data_7MU4
#
_entry.id   7MU4
#
_cell.length_a   52.021
_cell.length_b   77.743
_cell.length_c   105.029
_cell.angle_alpha   90.000
_cell.angle_beta   90.000
_cell.angle_gamma   90.000
#
_symmetry.space_group_name_H-M   'P 21 21 21'
#
loop_
_entity.id
_entity.type
_entity.pdbx_description
1 polymer 'D24.M01 Fab Heavy Chain'
2 polymer 'D24.M01 Fab Light Chain'
3 non-polymer DI(HYDROXYETHYL)ETHER
4 water water
#
loop_
_entity_poly.entity_id
_entity_poly.type
_entity_poly.pdbx_seq_one_letter_code
_entity_poly.pdbx_strand_id
1 'polypeptide(L)'
;MDILCSTLLLLTVPSWVLSQVTLRESGPALVKPTQTLTLTCTISGLSLTTSGVCVSWIRQPPGKALEWLALIDWDDDKYY
STSLRTRLTISKDISKNQVVLTMTNMDPVDTATFFCARTRCTSNWGYYFDSWGRGTRVTVSSASTKGPSVFPLAPSSKST
SGGTAALGCLVKDYFPEPVTVSWNSGALTSGVHTFPAVLQSSGLYSLSSVVTVPSSSLGTQTYICNVNHKPSNTKVDKRV
EPKSCDKTSGRHHHHHHGLNDIFEAQKIEWHE
;
H
2 'polypeptide(L)'
;MAWSPLLLTLLAHCTGSWAQSVLTQPPSVSGAPGQRVTISCTGSASNIGAGYDVHWYQQVPGAAPKLLIFVYSNRPSGVP
DRISGSKSGTSASLAISGLQAEDEADYYCQSYDDSLRGWVFGGGTKLTVLGQPKAAPSVTLFPPSSEELQANKATLVCLI
SDFYPGAVTVAWKADSSPVKAGVETTTPSKQSNNKYAASSYLSLTPEQWKSHRSYSCQVTHEGSTVEKTVAPTECS
;
L
#
# COMPACT_ATOMS: atom_id res chain seq x y z
N GLN A 20 21.35 1.14 -25.00
CA GLN A 20 20.90 2.27 -24.14
C GLN A 20 19.50 2.73 -24.55
N VAL A 21 18.51 1.89 -24.30
CA VAL A 21 17.13 2.33 -24.37
C VAL A 21 16.78 3.01 -23.05
N THR A 22 16.15 4.17 -23.15
CA THR A 22 15.63 4.86 -21.98
C THR A 22 14.17 5.22 -22.21
N LEU A 23 13.39 5.18 -21.14
CA LEU A 23 11.98 5.58 -21.17
C LEU A 23 11.77 6.61 -20.08
N ARG A 24 11.03 7.68 -20.39
CA ARG A 24 10.70 8.69 -19.38
C ARG A 24 9.22 9.05 -19.45
N GLU A 25 8.52 8.94 -18.30
CA GLU A 25 7.11 9.32 -18.22
C GLU A 25 6.99 10.81 -17.96
N SER A 26 5.91 11.40 -18.46
CA SER A 26 5.60 12.79 -18.14
C SER A 26 4.09 12.94 -18.11
N GLY A 27 3.64 13.91 -17.33
CA GLY A 27 2.24 14.21 -17.24
C GLY A 27 1.94 15.00 -16.00
N PRO A 28 0.66 15.31 -15.76
CA PRO A 28 0.31 16.20 -14.63
C PRO A 28 0.49 15.48 -13.30
N ALA A 29 0.94 16.24 -12.30
CA ALA A 29 1.01 15.63 -10.98
C ALA A 29 -0.36 15.52 -10.35
N LEU A 30 -1.28 16.40 -10.74
CA LEU A 30 -2.60 16.51 -10.12
C LEU A 30 -3.68 16.51 -11.19
N VAL A 31 -4.74 15.76 -10.91
CA VAL A 31 -5.89 15.64 -11.80
C VAL A 31 -7.14 15.67 -10.93
N LYS A 32 -8.22 16.30 -11.42
CA LYS A 32 -9.42 16.36 -10.60
C LYS A 32 -10.40 15.25 -10.94
N PRO A 33 -11.28 14.83 -10.02
CA PRO A 33 -12.19 13.71 -10.32
C PRO A 33 -12.99 13.95 -11.59
N THR A 34 -13.29 12.85 -12.30
CA THR A 34 -13.96 12.78 -13.60
C THR A 34 -13.13 13.32 -14.76
N GLN A 35 -12.08 14.09 -14.47
CA GLN A 35 -11.21 14.59 -15.53
C GLN A 35 -10.50 13.41 -16.21
N THR A 36 -9.88 13.72 -17.35
CA THR A 36 -9.18 12.71 -18.14
C THR A 36 -7.68 12.91 -17.95
N LEU A 37 -6.98 11.82 -17.71
CA LEU A 37 -5.53 11.85 -17.53
C LEU A 37 -4.87 11.46 -18.82
N THR A 38 -3.92 12.29 -19.26
CA THR A 38 -3.04 11.96 -20.37
C THR A 38 -1.61 11.86 -19.86
N LEU A 39 -0.99 10.72 -20.09
CA LEU A 39 0.41 10.48 -19.72
C LEU A 39 1.21 10.21 -20.99
N THR A 40 2.45 10.67 -21.00
CA THR A 40 3.30 10.50 -22.17
C THR A 40 4.55 9.76 -21.80
N CYS A 41 4.94 8.79 -22.64
CA CYS A 41 6.18 8.05 -22.47
C CYS A 41 7.09 8.39 -23.63
N THR A 42 8.25 8.98 -23.33
CA THR A 42 9.22 9.32 -24.36
C THR A 42 10.28 8.24 -24.36
N ILE A 43 10.48 7.62 -25.52
CA ILE A 43 11.41 6.52 -25.72
C ILE A 43 12.61 7.06 -26.48
N SER A 44 13.80 6.73 -26.00
CA SER A 44 15.04 7.14 -26.63
C SER A 44 15.93 5.93 -26.88
N GLY A 45 16.69 6.00 -27.97
CA GLY A 45 17.58 4.90 -28.31
C GLY A 45 16.91 3.71 -28.96
N LEU A 46 15.66 3.83 -29.35
CA LEU A 46 14.92 2.74 -29.98
C LEU A 46 13.75 3.37 -30.70
N SER A 47 13.46 2.87 -31.89
CA SER A 47 12.39 3.41 -32.71
C SER A 47 11.14 2.58 -32.51
N LEU A 48 10.03 3.26 -32.28
CA LEU A 48 8.74 2.57 -32.15
C LEU A 48 8.28 1.97 -33.47
N THR A 49 8.92 2.33 -34.57
CA THR A 49 8.59 1.72 -35.86
C THR A 49 9.28 0.38 -36.07
N THR A 50 10.25 0.03 -35.24
CA THR A 50 11.06 -1.16 -35.50
C THR A 50 10.32 -2.43 -35.12
N SER A 51 10.36 -3.40 -36.02
CA SER A 51 9.75 -4.69 -35.76
C SER A 51 10.20 -5.22 -34.41
N GLY A 52 9.25 -5.68 -33.62
CA GLY A 52 9.52 -6.31 -32.36
C GLY A 52 9.45 -5.38 -31.17
N VAL A 53 9.22 -4.09 -31.38
CA VAL A 53 9.26 -3.12 -30.29
C VAL A 53 7.85 -2.94 -29.74
N CYS A 54 7.68 -3.22 -28.45
CA CYS A 54 6.44 -2.96 -27.73
C CYS A 54 6.70 -2.14 -26.48
N VAL A 55 5.68 -1.38 -26.07
CA VAL A 55 5.74 -0.56 -24.86
C VAL A 55 4.43 -0.74 -24.09
N SER A 56 4.55 -0.91 -22.77
CA SER A 56 3.42 -1.04 -21.88
C SER A 56 3.40 0.07 -20.85
N TRP A 57 2.21 0.29 -20.32
CA TRP A 57 1.96 1.12 -19.15
C TRP A 57 1.51 0.22 -18.01
N ILE A 58 2.07 0.49 -16.83
CA ILE A 58 1.83 -0.26 -15.60
C ILE A 58 1.56 0.77 -14.52
N ARG A 59 0.61 0.49 -13.64
CA ARG A 59 0.38 1.41 -12.52
C ARG A 59 0.65 0.71 -11.20
N GLN A 60 0.85 1.57 -10.17
CA GLN A 60 1.11 1.10 -8.81
C GLN A 60 0.47 2.07 -7.83
N PRO A 61 -0.71 1.76 -7.30
CA PRO A 61 -1.27 2.57 -6.21
C PRO A 61 -0.32 2.63 -5.04
N PRO A 62 -0.42 3.67 -4.20
CA PRO A 62 0.53 3.84 -3.10
C PRO A 62 0.51 2.62 -2.20
N GLY A 63 1.69 2.02 -1.99
CA GLY A 63 1.79 0.87 -1.11
C GLY A 63 1.20 -0.43 -1.62
N LYS A 64 0.80 -0.50 -2.88
CA LYS A 64 0.16 -1.71 -3.44
C LYS A 64 0.99 -2.32 -4.58
N ALA A 65 0.46 -3.41 -5.13
CA ALA A 65 1.18 -4.20 -6.13
C ALA A 65 1.14 -3.54 -7.49
N LEU A 66 2.06 -3.97 -8.34
CA LEU A 66 2.03 -3.56 -9.73
C LEU A 66 0.82 -4.12 -10.47
N GLU A 67 0.31 -3.33 -11.42
CA GLU A 67 -0.80 -3.77 -12.26
C GLU A 67 -0.61 -3.30 -13.70
N TRP A 68 -0.56 -4.26 -14.62
CA TRP A 68 -0.42 -3.96 -16.05
C TRP A 68 -1.70 -3.32 -16.57
N LEU A 69 -1.59 -2.26 -17.35
CA LEU A 69 -2.76 -1.59 -17.91
C LEU A 69 -2.93 -1.76 -19.42
N ALA A 70 -1.85 -1.61 -20.19
CA ALA A 70 -1.98 -1.51 -21.65
C ALA A 70 -0.65 -1.75 -22.33
N LEU A 71 -0.73 -2.20 -23.58
CA LEU A 71 0.44 -2.46 -24.40
C LEU A 71 0.12 -2.07 -25.84
N ILE A 72 1.12 -1.49 -26.52
CA ILE A 72 1.02 -1.16 -27.94
C ILE A 72 2.25 -1.69 -28.63
N ASP A 73 2.09 -2.22 -29.85
CA ASP A 73 3.24 -2.74 -30.59
C ASP A 73 3.49 -1.96 -31.88
N TRP A 74 4.54 -2.36 -32.62
CA TRP A 74 5.00 -1.62 -33.79
C TRP A 74 4.01 -1.67 -34.97
N ASP A 75 3.17 -2.70 -35.06
CA ASP A 75 1.91 -2.57 -35.76
C ASP A 75 1.05 -1.70 -34.85
N ASP A 76 -0.08 -1.20 -35.28
CA ASP A 76 -0.69 -0.34 -34.26
C ASP A 76 -1.52 -1.20 -33.28
N ASP A 77 -1.07 -2.42 -32.93
CA ASP A 77 -1.86 -3.36 -32.11
C ASP A 77 -1.96 -2.89 -30.66
N LYS A 78 -3.17 -2.83 -30.10
CA LYS A 78 -3.40 -2.30 -28.76
C LYS A 78 -4.02 -3.35 -27.86
N TYR A 79 -3.42 -3.57 -26.68
CA TYR A 79 -3.89 -4.55 -25.72
C TYR A 79 -4.18 -3.84 -24.41
N TYR A 80 -5.24 -4.27 -23.72
CA TYR A 80 -5.70 -3.58 -22.53
C TYR A 80 -6.11 -4.56 -21.45
N SER A 81 -5.85 -4.16 -20.21
CA SER A 81 -6.42 -4.84 -19.06
C SER A 81 -7.92 -5.06 -19.26
N THR A 82 -8.38 -6.28 -19.06
CA THR A 82 -9.80 -6.56 -19.31
C THR A 82 -10.68 -5.90 -18.26
N SER A 83 -10.13 -5.56 -17.10
CA SER A 83 -10.90 -4.92 -16.06
C SER A 83 -11.01 -3.40 -16.24
N LEU A 84 -10.15 -2.78 -17.03
CA LEU A 84 -10.17 -1.34 -17.20
C LEU A 84 -10.28 -0.91 -18.64
N ARG A 85 -10.50 -1.86 -19.56
CA ARG A 85 -10.42 -1.57 -20.99
C ARG A 85 -11.21 -0.32 -21.36
N THR A 86 -12.42 -0.16 -20.79
CA THR A 86 -13.29 0.90 -21.30
C THR A 86 -12.85 2.28 -20.86
N ARG A 87 -11.91 2.38 -19.91
CA ARG A 87 -11.38 3.64 -19.45
C ARG A 87 -10.09 4.05 -20.13
N LEU A 88 -9.46 3.14 -20.90
CA LEU A 88 -8.09 3.32 -21.37
C LEU A 88 -8.03 3.49 -22.89
N THR A 89 -7.05 4.24 -23.36
CA THR A 89 -6.66 4.27 -24.76
C THR A 89 -5.14 4.35 -24.79
N ILE A 90 -4.49 3.53 -25.61
CA ILE A 90 -3.03 3.63 -25.76
C ILE A 90 -2.75 4.00 -27.22
N SER A 91 -1.79 4.91 -27.42
CA SER A 91 -1.55 5.42 -28.77
C SER A 91 -0.06 5.69 -28.93
N LYS A 92 0.39 5.79 -30.18
CA LYS A 92 1.80 6.08 -30.44
C LYS A 92 1.91 7.26 -31.41
N ASP A 93 2.81 8.17 -31.08
CA ASP A 93 3.11 9.38 -31.83
C ASP A 93 4.48 9.09 -32.43
N ILE A 94 4.48 8.60 -33.66
CA ILE A 94 5.73 8.18 -34.28
C ILE A 94 6.62 9.38 -34.56
N SER A 95 6.01 10.52 -34.87
CA SER A 95 6.80 11.72 -35.08
C SER A 95 7.71 12.00 -33.89
N LYS A 96 7.16 11.91 -32.67
CA LYS A 96 7.86 12.26 -31.45
C LYS A 96 8.46 11.07 -30.74
N ASN A 97 8.24 9.85 -31.27
CA ASN A 97 8.68 8.60 -30.65
C ASN A 97 8.16 8.47 -29.22
N GLN A 98 6.86 8.72 -29.06
CA GLN A 98 6.21 8.70 -27.77
C GLN A 98 5.01 7.76 -27.78
N VAL A 99 4.72 7.15 -26.61
CA VAL A 99 3.53 6.34 -26.39
C VAL A 99 2.69 7.06 -25.35
N VAL A 100 1.42 7.27 -25.66
CA VAL A 100 0.51 8.04 -24.84
C VAL A 100 -0.54 7.14 -24.24
N LEU A 101 -0.80 7.33 -22.94
CA LEU A 101 -1.92 6.67 -22.27
C LEU A 101 -2.98 7.72 -21.91
N THR A 102 -4.24 7.43 -22.22
CA THR A 102 -5.34 8.25 -21.72
C THR A 102 -6.27 7.39 -20.88
N MET A 103 -6.66 7.90 -19.73
CA MET A 103 -7.50 7.18 -18.79
C MET A 103 -8.63 8.10 -18.35
N THR A 104 -9.87 7.71 -18.65
CA THR A 104 -11.02 8.59 -18.48
C THR A 104 -11.59 8.46 -17.06
N ASN A 105 -12.29 9.53 -16.65
CA ASN A 105 -13.10 9.53 -15.44
C ASN A 105 -12.28 9.15 -14.20
N MET A 106 -11.20 9.93 -13.99
CA MET A 106 -10.30 9.73 -12.85
C MET A 106 -11.04 9.88 -11.53
N ASP A 107 -10.84 8.92 -10.63
CA ASP A 107 -11.31 9.00 -9.25
C ASP A 107 -10.14 8.95 -8.27
N PRO A 108 -10.28 9.51 -7.06
CA PRO A 108 -9.19 9.40 -6.06
C PRO A 108 -8.71 7.99 -5.80
N VAL A 109 -9.56 6.99 -6.02
CA VAL A 109 -9.10 5.61 -5.90
C VAL A 109 -8.09 5.23 -6.97
N ASP A 110 -7.95 6.04 -8.02
CA ASP A 110 -7.00 5.76 -9.08
C ASP A 110 -5.61 6.37 -8.84
N THR A 111 -5.42 7.11 -7.74
CA THR A 111 -4.12 7.69 -7.45
C THR A 111 -3.04 6.61 -7.48
N ALA A 112 -2.00 6.85 -8.26
CA ALA A 112 -0.99 5.82 -8.48
C ALA A 112 0.23 6.41 -9.18
N THR A 113 1.33 5.68 -9.04
CA THR A 113 2.51 5.89 -9.87
C THR A 113 2.33 5.07 -11.13
N PHE A 114 2.52 5.73 -12.28
CA PHE A 114 2.45 5.11 -13.59
C PHE A 114 3.85 4.98 -14.17
N PHE A 115 4.15 3.79 -14.68
CA PHE A 115 5.42 3.46 -15.31
C PHE A 115 5.14 3.05 -16.75
N CYS A 116 6.01 3.44 -17.68
CA CYS A 116 6.08 2.81 -18.98
C CYS A 116 7.30 1.91 -19.03
N ALA A 117 7.19 0.84 -19.83
CA ALA A 117 8.23 -0.19 -19.89
C ALA A 117 8.28 -0.78 -21.28
N ARG A 118 9.47 -0.81 -21.83
CA ARG A 118 9.72 -1.58 -23.03
C ARG A 118 9.45 -3.05 -22.72
N THR A 119 8.59 -3.67 -23.53
CA THR A 119 8.11 -5.02 -23.31
C THR A 119 8.69 -5.89 -24.42
N ARG A 120 9.44 -6.90 -24.04
CA ARG A 120 9.81 -7.94 -24.98
C ARG A 120 8.52 -8.64 -25.39
N CYS A 121 8.37 -8.89 -26.69
CA CYS A 121 7.07 -8.98 -27.32
C CYS A 121 6.96 -10.12 -28.33
N THR A 122 7.95 -11.01 -28.40
CA THR A 122 8.02 -11.94 -29.54
C THR A 122 8.57 -13.27 -29.07
N SER A 123 8.21 -14.33 -29.78
CA SER A 123 8.38 -15.70 -29.27
C SER A 123 9.85 -16.06 -29.10
N ASN A 124 10.74 -15.48 -29.89
CA ASN A 124 12.16 -15.79 -29.73
C ASN A 124 12.77 -15.12 -28.51
N TRP A 125 12.13 -14.08 -27.97
CA TRP A 125 12.61 -13.34 -26.80
C TRP A 125 11.86 -13.71 -25.52
N GLY A 126 10.56 -13.51 -25.53
CA GLY A 126 9.73 -13.63 -24.35
C GLY A 126 8.77 -12.46 -24.28
N TYR A 127 8.05 -12.37 -23.13
CA TYR A 127 7.00 -11.36 -22.90
C TYR A 127 7.17 -10.83 -21.46
N TYR A 128 8.09 -9.88 -21.31
CA TYR A 128 8.43 -9.39 -19.99
C TYR A 128 8.81 -7.94 -20.11
N PHE A 129 8.86 -7.26 -18.98
CA PHE A 129 9.12 -5.82 -18.95
C PHE A 129 10.60 -5.60 -18.70
N ASP A 130 11.31 -5.26 -19.77
CA ASP A 130 12.76 -5.31 -19.82
C ASP A 130 13.42 -4.06 -19.29
N SER A 131 12.92 -2.91 -19.74
CA SER A 131 13.46 -1.58 -19.42
C SER A 131 12.30 -0.75 -18.93
N TRP A 132 12.42 -0.22 -17.71
CA TRP A 132 11.37 0.61 -17.11
C TRP A 132 11.75 2.08 -17.03
N GLY A 133 10.72 2.93 -17.18
CA GLY A 133 10.83 4.32 -16.79
C GLY A 133 10.98 4.48 -15.27
N ARG A 134 11.20 5.72 -14.83
CA ARG A 134 11.34 5.95 -13.40
C ARG A 134 10.00 6.05 -12.68
N GLY A 135 8.92 6.24 -13.42
CA GLY A 135 7.58 6.39 -12.88
C GLY A 135 7.22 7.83 -12.59
N THR A 136 5.92 8.11 -12.66
CA THR A 136 5.39 9.43 -12.31
C THR A 136 4.10 9.27 -11.52
N ARG A 137 4.03 9.98 -10.39
CA ARG A 137 2.88 9.90 -9.50
C ARG A 137 1.79 10.84 -9.97
N VAL A 138 0.58 10.30 -10.13
CA VAL A 138 -0.62 11.05 -10.45
C VAL A 138 -1.55 10.93 -9.25
N THR A 139 -1.87 12.06 -8.66
CA THR A 139 -2.79 12.12 -7.53
C THR A 139 -4.09 12.76 -8.01
N VAL A 140 -5.21 12.07 -7.76
CA VAL A 140 -6.55 12.53 -8.14
C VAL A 140 -7.22 13.12 -6.91
N SER A 141 -7.55 14.42 -6.98
CA SER A 141 -7.99 15.18 -5.82
C SER A 141 -8.67 16.47 -6.23
N SER A 142 -9.47 16.97 -5.31
CA SER A 142 -10.22 18.16 -5.63
C SER A 142 -9.37 19.39 -5.42
N ALA A 143 -9.93 20.53 -5.80
CA ALA A 143 -9.25 21.79 -5.52
C ALA A 143 -9.45 22.31 -4.09
N SER A 144 -10.22 21.60 -3.29
CA SER A 144 -10.64 22.07 -1.97
C SER A 144 -9.74 21.67 -0.82
N THR A 145 -9.27 22.69 -0.15
CA THR A 145 -8.69 22.58 1.15
C THR A 145 -9.78 22.21 2.12
N LYS A 146 -9.47 21.32 3.04
CA LYS A 146 -10.50 20.91 4.00
C LYS A 146 -9.87 20.63 5.35
N GLY A 147 -10.37 21.25 6.39
CA GLY A 147 -9.86 20.96 7.70
C GLY A 147 -10.37 19.66 8.31
N PRO A 148 -9.69 19.16 9.35
CA PRO A 148 -10.08 17.87 9.94
C PRO A 148 -11.27 17.97 10.90
N SER A 149 -12.04 16.88 11.00
CA SER A 149 -12.85 16.62 12.18
C SER A 149 -11.99 15.81 13.14
N VAL A 150 -12.05 16.20 14.42
CA VAL A 150 -11.20 15.58 15.43
C VAL A 150 -12.09 14.92 16.46
N PHE A 151 -11.79 13.66 16.77
CA PHE A 151 -12.59 12.89 17.70
C PHE A 151 -11.71 12.25 18.76
N PRO A 152 -12.20 12.18 19.99
CA PRO A 152 -11.40 11.57 21.06
C PRO A 152 -11.44 10.06 20.92
N LEU A 153 -10.29 9.44 21.20
CA LEU A 153 -10.16 7.98 21.26
C LEU A 153 -10.01 7.64 22.75
N ALA A 154 -11.13 7.27 23.35
CA ALA A 154 -11.19 7.21 24.81
C ALA A 154 -10.42 6.00 25.34
N PRO A 155 -9.70 6.15 26.44
CA PRO A 155 -9.04 4.99 27.07
C PRO A 155 -9.95 4.27 28.05
N SER A 156 -9.66 2.99 28.25
CA SER A 156 -10.30 2.18 29.28
C SER A 156 -9.49 2.30 30.57
N SER A 157 -10.18 2.25 31.71
CA SER A 157 -9.51 2.15 32.99
C SER A 157 -9.22 0.70 33.39
N LYS A 158 -9.50 -0.25 32.51
CA LYS A 158 -9.38 -1.65 32.86
C LYS A 158 -7.92 -2.07 33.05
N SER A 159 -7.74 -3.02 33.97
CA SER A 159 -6.41 -3.52 34.28
C SER A 159 -5.72 -4.09 33.04
N THR A 160 -4.45 -3.72 32.89
CA THR A 160 -3.56 -4.32 31.91
C THR A 160 -2.32 -4.81 32.65
N SER A 161 -1.59 -5.75 32.03
CA SER A 161 -0.36 -6.25 32.64
C SER A 161 0.60 -5.11 32.95
N GLY A 162 0.74 -4.16 32.04
CA GLY A 162 1.74 -3.11 32.16
C GLY A 162 1.31 -1.87 32.91
N GLY A 163 0.05 -1.82 33.34
CA GLY A 163 -0.40 -0.66 34.09
C GLY A 163 -0.50 0.59 33.27
N THR A 164 -0.67 0.45 31.95
CA THR A 164 -0.81 1.59 31.06
C THR A 164 -2.06 1.39 30.20
N ALA A 165 -2.54 2.50 29.63
CA ALA A 165 -3.66 2.54 28.72
C ALA A 165 -3.31 3.48 27.58
N ALA A 166 -3.94 3.29 26.44
CA ALA A 166 -3.72 4.14 25.28
C ALA A 166 -4.94 5.03 25.09
N LEU A 167 -4.71 6.32 24.91
CA LEU A 167 -5.79 7.23 24.51
C LEU A 167 -5.29 7.98 23.29
N GLY A 168 -6.19 8.67 22.60
CA GLY A 168 -5.73 9.38 21.43
C GLY A 168 -6.76 10.30 20.82
N CYS A 169 -6.40 10.85 19.67
CA CYS A 169 -7.24 11.73 18.88
C CYS A 169 -7.17 11.26 17.43
N LEU A 170 -8.35 11.05 16.85
CA LEU A 170 -8.51 10.73 15.44
C LEU A 170 -8.70 12.04 14.72
N VAL A 171 -7.91 12.24 13.68
CA VAL A 171 -7.87 13.47 12.88
C VAL A 171 -8.33 13.08 11.49
N LYS A 172 -9.62 13.29 11.20
CA LYS A 172 -10.25 12.64 10.08
C LYS A 172 -10.58 13.61 8.95
N ASP A 173 -10.29 13.17 7.73
CA ASP A 173 -10.81 13.76 6.50
C ASP A 173 -10.32 15.20 6.30
N TYR A 174 -9.02 15.34 6.16
CA TYR A 174 -8.42 16.64 5.89
C TYR A 174 -7.62 16.58 4.59
N PHE A 175 -7.32 17.76 4.05
CA PHE A 175 -6.62 17.88 2.77
C PHE A 175 -6.11 19.32 2.65
N PRO A 176 -4.85 19.55 2.23
CA PRO A 176 -3.78 18.59 1.91
C PRO A 176 -3.08 18.12 3.20
N GLU A 177 -2.09 17.24 3.12
CA GLU A 177 -1.14 17.16 4.21
C GLU A 177 -0.44 18.52 4.33
N PRO A 178 0.20 18.84 5.45
CA PRO A 178 0.43 18.20 6.75
C PRO A 178 -0.53 18.75 7.73
N VAL A 179 -0.50 18.09 8.87
CA VAL A 179 -1.25 18.45 10.05
C VAL A 179 -0.28 18.20 11.18
N THR A 180 -0.45 18.90 12.28
CA THR A 180 0.37 18.58 13.44
C THR A 180 -0.54 18.41 14.64
N VAL A 181 -0.07 17.60 15.58
CA VAL A 181 -0.79 17.26 16.78
C VAL A 181 0.17 17.42 17.93
N SER A 182 -0.27 18.12 18.96
CA SER A 182 0.42 18.18 20.23
C SER A 182 -0.58 17.79 21.31
N TRP A 183 -0.06 17.62 22.51
CA TRP A 183 -0.81 17.17 23.66
C TRP A 183 -0.56 18.14 24.81
N ASN A 184 -1.65 18.57 25.45
CA ASN A 184 -1.63 19.57 26.52
C ASN A 184 -0.70 20.71 26.19
N SER A 185 -0.91 21.27 24.99
CA SER A 185 -0.18 22.46 24.52
C SER A 185 1.33 22.25 24.55
N GLY A 186 1.77 21.02 24.32
CA GLY A 186 3.18 20.73 24.21
C GLY A 186 3.83 20.28 25.49
N ALA A 187 3.08 20.28 26.59
CA ALA A 187 3.62 19.89 27.88
C ALA A 187 3.74 18.39 28.03
N LEU A 188 3.01 17.62 27.23
CA LEU A 188 3.06 16.17 27.22
C LEU A 188 3.70 15.70 25.92
N THR A 189 4.84 15.03 26.04
CA THR A 189 5.63 14.60 24.89
C THR A 189 6.00 13.13 25.09
N SER A 190 6.12 12.71 26.34
CA SER A 190 6.46 11.32 26.63
C SER A 190 5.28 10.41 26.32
N GLY A 191 5.57 9.29 25.66
CA GLY A 191 4.58 8.30 25.33
C GLY A 191 3.71 8.63 24.14
N VAL A 192 4.02 9.69 23.42
CA VAL A 192 3.21 10.14 22.31
C VAL A 192 3.69 9.49 21.03
N HIS A 193 2.74 9.04 20.23
CA HIS A 193 3.01 8.44 18.93
C HIS A 193 1.95 8.97 17.98
N THR A 194 2.35 9.85 17.09
CA THR A 194 1.49 10.34 16.02
C THR A 194 1.80 9.50 14.79
N PHE A 195 0.80 8.80 14.28
CA PHE A 195 1.04 7.85 13.20
C PHE A 195 1.10 8.58 11.85
N PRO A 196 1.78 8.00 10.86
CA PRO A 196 1.69 8.53 9.50
C PRO A 196 0.26 8.50 9.01
N ALA A 197 -0.10 9.50 8.21
CA ALA A 197 -1.46 9.60 7.70
C ALA A 197 -1.74 8.57 6.59
N VAL A 198 -3.02 8.23 6.44
CA VAL A 198 -3.47 7.39 5.35
C VAL A 198 -4.14 8.29 4.33
N LEU A 199 -3.83 8.06 3.06
CA LEU A 199 -4.58 8.70 1.97
C LEU A 199 -5.75 7.79 1.64
N GLN A 200 -6.97 8.27 1.86
CA GLN A 200 -8.16 7.43 1.77
C GLN A 200 -8.72 7.44 0.35
N SER A 201 -9.67 6.51 0.10
CA SER A 201 -10.28 6.39 -1.23
C SER A 201 -11.01 7.67 -1.64
N SER A 202 -11.45 8.47 -0.68
CA SER A 202 -12.04 9.77 -0.94
C SER A 202 -11.04 10.83 -1.43
N GLY A 203 -9.75 10.56 -1.37
CA GLY A 203 -8.77 11.60 -1.62
C GLY A 203 -8.45 12.49 -0.44
N LEU A 204 -9.06 12.25 0.73
CA LEU A 204 -8.78 12.96 1.98
C LEU A 204 -7.87 12.08 2.84
N TYR A 205 -7.15 12.73 3.75
CA TYR A 205 -6.25 12.07 4.68
C TYR A 205 -6.89 11.89 6.05
N SER A 206 -6.40 10.90 6.78
CA SER A 206 -6.69 10.76 8.19
C SER A 206 -5.44 10.28 8.90
N LEU A 207 -5.30 10.68 10.17
CA LEU A 207 -4.27 10.09 11.00
C LEU A 207 -4.77 10.01 12.42
N SER A 208 -4.02 9.30 13.25
CA SER A 208 -4.27 9.20 14.67
C SER A 208 -3.01 9.54 15.44
N SER A 209 -3.20 10.20 16.58
CA SER A 209 -2.11 10.42 17.53
C SER A 209 -2.54 9.76 18.82
N VAL A 210 -1.68 8.87 19.35
CA VAL A 210 -2.02 8.19 20.59
C VAL A 210 -0.95 8.46 21.63
N VAL A 211 -1.38 8.46 22.89
CA VAL A 211 -0.51 8.60 24.05
C VAL A 211 -0.70 7.38 24.92
N THR A 212 0.41 6.77 25.31
CA THR A 212 0.41 5.68 26.28
C THR A 212 0.59 6.29 27.66
N VAL A 213 -0.42 6.14 28.51
CA VAL A 213 -0.41 6.80 29.81
C VAL A 213 -0.65 5.77 30.89
N PRO A 214 -0.31 6.12 32.14
CA PRO A 214 -0.63 5.22 33.26
C PRO A 214 -2.13 5.14 33.48
N SER A 215 -2.62 3.91 33.71
CA SER A 215 -4.05 3.75 33.94
C SER A 215 -4.46 4.43 35.24
N SER A 216 -3.58 4.41 36.24
CA SER A 216 -3.85 5.06 37.52
C SER A 216 -4.22 6.54 37.40
N SER A 217 -3.82 7.22 36.34
CA SER A 217 -4.07 8.64 36.17
C SER A 217 -5.40 8.94 35.48
N LEU A 218 -6.07 7.92 34.94
CA LEU A 218 -7.19 8.19 34.04
C LEU A 218 -8.29 8.99 34.73
N GLY A 219 -8.42 8.84 36.04
CA GLY A 219 -9.45 9.60 36.73
C GLY A 219 -9.11 11.05 37.00
N THR A 220 -7.84 11.43 36.95
CA THR A 220 -7.39 12.67 37.57
C THR A 220 -6.60 13.59 36.65
N GLN A 221 -5.97 13.10 35.59
CA GLN A 221 -5.21 13.94 34.69
C GLN A 221 -6.10 14.35 33.53
N THR A 222 -5.96 15.59 33.09
CA THR A 222 -6.62 16.01 31.87
C THR A 222 -5.71 15.76 30.67
N TYR A 223 -6.29 15.25 29.59
CA TYR A 223 -5.57 15.08 28.34
C TYR A 223 -6.32 15.78 27.22
N ILE A 224 -5.61 16.67 26.53
CA ILE A 224 -6.19 17.45 25.44
C ILE A 224 -5.26 17.32 24.25
N CYS A 225 -5.80 16.91 23.13
CA CYS A 225 -4.97 17.02 21.94
C CYS A 225 -5.34 18.32 21.20
N ASN A 226 -4.28 18.93 20.73
CA ASN A 226 -4.24 20.18 19.97
C ASN A 226 -3.82 19.87 18.54
N VAL A 227 -4.77 20.02 17.64
CA VAL A 227 -4.54 19.76 16.24
C VAL A 227 -4.43 21.09 15.53
N ASN A 228 -3.43 21.23 14.68
CA ASN A 228 -3.28 22.42 13.84
C ASN A 228 -3.15 21.96 12.40
N HIS A 229 -4.13 22.31 11.56
CA HIS A 229 -4.06 22.05 10.13
C HIS A 229 -3.80 23.39 9.43
N LYS A 230 -2.52 23.72 9.29
CA LYS A 230 -2.18 25.05 8.80
C LYS A 230 -2.71 25.28 7.39
N PRO A 231 -2.72 24.31 6.48
CA PRO A 231 -3.24 24.60 5.13
C PRO A 231 -4.65 25.14 5.10
N SER A 232 -5.54 24.73 6.01
CA SER A 232 -6.89 25.27 6.08
C SER A 232 -7.07 26.25 7.21
N ASN A 233 -6.02 26.51 7.99
CA ASN A 233 -6.11 27.32 9.19
C ASN A 233 -7.21 26.85 10.14
N THR A 234 -7.26 25.54 10.36
CA THR A 234 -8.16 24.94 11.33
C THR A 234 -7.32 24.51 12.54
N LYS A 235 -7.77 24.87 13.73
CA LYS A 235 -7.16 24.43 14.97
C LYS A 235 -8.26 23.84 15.84
N VAL A 236 -7.98 22.69 16.42
CA VAL A 236 -8.96 22.01 17.24
C VAL A 236 -8.30 21.57 18.54
N ASP A 237 -8.94 21.86 19.66
CA ASP A 237 -8.61 21.28 20.96
C ASP A 237 -9.70 20.31 21.33
N LYS A 238 -9.33 19.08 21.68
CA LYS A 238 -10.30 18.06 22.08
C LYS A 238 -9.85 17.42 23.39
N ARG A 239 -10.70 17.53 24.41
CA ARG A 239 -10.47 16.82 25.66
C ARG A 239 -10.78 15.35 25.45
N VAL A 240 -9.88 14.48 25.90
CA VAL A 240 -10.05 13.04 25.81
C VAL A 240 -10.27 12.52 27.22
N GLU A 241 -11.47 12.09 27.50
CA GLU A 241 -12.00 11.63 28.77
C GLU A 241 -12.07 10.10 28.79
N PRO A 242 -11.79 9.47 29.93
CA PRO A 242 -11.86 8.01 29.98
C PRO A 242 -13.26 7.49 29.80
N LYS A 243 -13.32 6.29 29.21
CA LYS A 243 -14.55 5.54 29.12
C LYS A 243 -15.12 5.35 30.52
N SER A 244 -16.45 5.32 30.60
CA SER A 244 -17.08 5.37 31.91
C SER A 244 -18.03 4.27 32.35
N CYS A 245 -19.10 4.05 31.58
CA CYS A 245 -20.26 3.23 31.97
C CYS A 245 -21.05 4.00 32.99
N SER B 21 -5.02 -11.09 -5.92
CA SER B 21 -4.06 -11.27 -7.01
C SER B 21 -4.13 -12.65 -7.59
N VAL B 22 -4.01 -12.72 -8.91
CA VAL B 22 -4.07 -14.00 -9.60
C VAL B 22 -2.88 -14.88 -9.22
N LEU B 23 -1.76 -14.25 -8.88
CA LEU B 23 -0.55 -14.95 -8.43
C LEU B 23 -0.32 -14.59 -6.97
N THR B 24 -0.08 -15.59 -6.14
CA THR B 24 -0.04 -15.38 -4.69
C THR B 24 1.39 -15.51 -4.19
N GLN B 25 1.83 -14.48 -3.47
CA GLN B 25 3.13 -14.43 -2.83
C GLN B 25 2.96 -14.24 -1.33
N PRO B 26 3.89 -14.74 -0.52
CA PRO B 26 3.91 -14.36 0.89
C PRO B 26 4.16 -12.86 1.03
N PRO B 27 3.50 -12.19 1.97
CA PRO B 27 3.74 -10.75 2.13
C PRO B 27 5.15 -10.41 2.58
N SER B 28 5.82 -11.31 3.31
CA SER B 28 7.09 -10.99 3.94
C SER B 28 7.96 -12.24 4.00
N VAL B 29 9.23 -12.05 3.72
CA VAL B 29 10.26 -13.07 3.93
C VAL B 29 11.46 -12.34 4.50
N SER B 30 12.21 -12.98 5.38
CA SER B 30 13.33 -12.28 5.99
C SER B 30 14.41 -13.27 6.37
N GLY B 31 15.65 -12.81 6.30
CA GLY B 31 16.77 -13.56 6.84
C GLY B 31 17.91 -12.62 7.21
N ALA B 32 18.84 -13.16 7.97
CA ALA B 32 20.03 -12.39 8.33
C ALA B 32 21.02 -12.40 7.17
N PRO B 33 22.00 -11.50 7.18
CA PRO B 33 23.04 -11.55 6.16
C PRO B 33 23.65 -12.95 6.10
N GLY B 34 23.80 -13.47 4.89
CA GLY B 34 24.38 -14.78 4.68
C GLY B 34 23.39 -15.92 4.64
N GLN B 35 22.15 -15.69 5.04
CA GLN B 35 21.18 -16.77 5.01
C GLN B 35 20.54 -16.85 3.63
N ARG B 36 19.85 -17.96 3.40
CA ARG B 36 19.13 -18.20 2.16
C ARG B 36 17.64 -18.10 2.46
N VAL B 37 16.91 -17.38 1.61
CA VAL B 37 15.46 -17.34 1.68
C VAL B 37 14.89 -17.72 0.32
N THR B 38 13.63 -18.14 0.33
CA THR B 38 12.91 -18.39 -0.91
C THR B 38 11.57 -17.68 -0.88
N ILE B 39 11.12 -17.25 -2.05
CA ILE B 39 9.86 -16.56 -2.22
C ILE B 39 9.04 -17.36 -3.22
N SER B 40 7.91 -17.84 -2.77
CA SER B 40 7.03 -18.62 -3.62
C SER B 40 6.07 -17.71 -4.38
N CYS B 41 5.68 -18.16 -5.58
CA CYS B 41 4.70 -17.51 -6.44
C CYS B 41 3.72 -18.59 -6.86
N THR B 42 2.50 -18.61 -6.31
CA THR B 42 1.58 -19.71 -6.57
C THR B 42 0.52 -19.25 -7.55
N GLY B 43 0.41 -19.93 -8.70
CA GLY B 43 -0.59 -19.57 -9.68
C GLY B 43 -1.62 -20.66 -9.92
N SER B 44 -2.06 -20.84 -11.17
CA SER B 44 -3.14 -21.76 -11.45
C SER B 44 -3.00 -22.29 -12.87
N ALA B 45 -3.99 -23.08 -13.29
CA ALA B 45 -4.00 -23.65 -14.63
C ALA B 45 -4.19 -22.59 -15.73
N SER B 46 -4.67 -21.39 -15.37
CA SER B 46 -4.83 -20.33 -16.37
C SER B 46 -3.57 -19.48 -16.58
N ASN B 47 -2.53 -19.65 -15.76
CA ASN B 47 -1.29 -18.90 -15.96
C ASN B 47 -0.06 -19.81 -15.88
N ILE B 48 0.51 -19.98 -14.69
CA ILE B 48 1.77 -20.71 -14.59
C ILE B 48 1.62 -22.17 -15.08
N GLY B 49 0.51 -22.81 -14.70
CA GLY B 49 0.19 -24.17 -15.17
C GLY B 49 -0.01 -24.29 -16.69
N ALA B 50 -0.44 -23.23 -17.35
CA ALA B 50 -0.62 -23.19 -18.79
C ALA B 50 0.67 -22.99 -19.55
N GLY B 51 1.80 -22.89 -18.85
CA GLY B 51 3.10 -22.75 -19.49
C GLY B 51 3.49 -21.33 -19.84
N TYR B 52 2.77 -20.32 -19.33
CA TYR B 52 3.11 -18.93 -19.60
C TYR B 52 4.31 -18.57 -18.72
N ASP B 53 5.32 -17.97 -19.34
CA ASP B 53 6.57 -17.71 -18.64
C ASP B 53 6.31 -16.95 -17.34
N VAL B 54 7.19 -17.17 -16.38
CA VAL B 54 7.19 -16.43 -15.14
C VAL B 54 8.48 -15.62 -15.07
N HIS B 55 8.34 -14.35 -14.70
CA HIS B 55 9.44 -13.41 -14.54
C HIS B 55 9.37 -12.81 -13.15
N TRP B 56 10.50 -12.26 -12.71
CA TRP B 56 10.56 -11.64 -11.40
C TRP B 56 11.15 -10.26 -11.51
N TYR B 57 10.63 -9.34 -10.69
CA TYR B 57 11.08 -7.95 -10.60
C TYR B 57 11.43 -7.60 -9.17
N GLN B 58 12.45 -6.75 -9.04
CA GLN B 58 12.91 -6.24 -7.77
C GLN B 58 12.67 -4.73 -7.71
N GLN B 59 12.13 -4.27 -6.60
CA GLN B 59 11.78 -2.86 -6.44
C GLN B 59 12.26 -2.39 -5.08
N VAL B 60 13.27 -1.53 -5.06
CA VAL B 60 13.70 -0.87 -3.83
C VAL B 60 12.69 0.24 -3.55
N PRO B 61 12.23 0.41 -2.32
CA PRO B 61 11.33 1.53 -2.03
C PRO B 61 11.92 2.85 -2.51
N GLY B 62 11.09 3.68 -3.14
CA GLY B 62 11.53 4.92 -3.73
C GLY B 62 11.82 4.86 -5.22
N ALA B 63 11.97 3.67 -5.79
CA ALA B 63 12.44 3.53 -7.17
C ALA B 63 11.45 2.69 -7.98
N ALA B 64 11.69 2.64 -9.28
CA ALA B 64 10.92 1.78 -10.15
C ALA B 64 11.40 0.35 -10.04
N PRO B 65 10.55 -0.59 -10.44
CA PRO B 65 10.96 -2.00 -10.51
C PRO B 65 12.04 -2.19 -11.56
N LYS B 66 12.83 -3.23 -11.35
CA LYS B 66 13.79 -3.68 -12.35
C LYS B 66 13.62 -5.17 -12.62
N LEU B 67 13.81 -5.56 -13.87
CA LEU B 67 13.83 -6.97 -14.20
C LEU B 67 14.93 -7.65 -13.41
N LEU B 68 14.59 -8.75 -12.75
CA LEU B 68 15.55 -9.55 -11.98
C LEU B 68 15.76 -10.93 -12.57
N ILE B 69 14.69 -11.57 -13.04
CA ILE B 69 14.75 -12.91 -13.61
C ILE B 69 13.76 -12.94 -14.76
N PHE B 70 14.19 -13.38 -15.95
CA PHE B 70 13.27 -13.56 -17.06
C PHE B 70 13.27 -15.02 -17.53
N VAL B 71 12.11 -15.42 -18.07
CA VAL B 71 11.80 -16.78 -18.54
C VAL B 71 12.29 -17.77 -17.48
N TYR B 72 11.75 -17.61 -16.26
CA TYR B 72 11.85 -18.55 -15.16
C TYR B 72 13.17 -18.44 -14.42
N SER B 73 14.30 -18.38 -15.14
CA SER B 73 15.56 -18.52 -14.45
C SER B 73 16.73 -17.75 -15.05
N ASN B 74 16.54 -16.93 -16.08
CA ASN B 74 17.66 -16.23 -16.69
C ASN B 74 17.87 -14.92 -15.94
N ARG B 75 19.13 -14.61 -15.66
CA ARG B 75 19.44 -13.40 -14.93
C ARG B 75 19.95 -12.34 -15.89
N PRO B 76 19.40 -11.13 -15.88
CA PRO B 76 20.01 -10.04 -16.66
C PRO B 76 21.41 -9.69 -16.17
N SER B 77 22.10 -8.90 -16.98
CA SER B 77 23.40 -8.34 -16.61
C SER B 77 23.30 -7.68 -15.25
N GLY B 78 24.25 -8.01 -14.37
CA GLY B 78 24.34 -7.41 -13.06
C GLY B 78 23.62 -8.12 -11.94
N VAL B 79 22.78 -9.12 -12.24
CA VAL B 79 22.06 -9.86 -11.22
C VAL B 79 22.88 -11.10 -10.84
N PRO B 80 23.26 -11.25 -9.57
CA PRO B 80 24.16 -12.36 -9.19
C PRO B 80 23.48 -13.72 -9.17
N ASP B 81 24.32 -14.76 -9.29
CA ASP B 81 23.86 -16.14 -9.39
C ASP B 81 23.32 -16.69 -8.07
N ARG B 82 23.62 -16.05 -6.94
CA ARG B 82 22.93 -16.40 -5.70
C ARG B 82 21.44 -16.11 -5.78
N ILE B 83 20.99 -15.37 -6.79
CA ILE B 83 19.56 -15.21 -7.08
C ILE B 83 19.20 -16.18 -8.20
N SER B 84 18.30 -17.10 -7.90
CA SER B 84 17.94 -18.19 -8.79
C SER B 84 16.43 -18.28 -8.88
N GLY B 85 15.95 -18.71 -10.04
CA GLY B 85 14.53 -18.94 -10.25
C GLY B 85 14.23 -20.31 -10.74
N SER B 86 13.04 -20.80 -10.39
CA SER B 86 12.61 -22.13 -10.80
C SER B 86 11.10 -22.17 -10.95
N LYS B 87 10.61 -23.29 -11.48
CA LYS B 87 9.19 -23.46 -11.75
C LYS B 87 8.79 -24.92 -11.55
N SER B 88 7.69 -25.15 -10.86
CA SER B 88 7.20 -26.53 -10.79
C SER B 88 5.68 -26.53 -10.71
N GLY B 89 5.05 -27.10 -11.72
CA GLY B 89 3.61 -27.21 -11.67
C GLY B 89 2.97 -25.87 -11.85
N THR B 90 2.08 -25.51 -10.92
CA THR B 90 1.40 -24.23 -10.98
C THR B 90 2.15 -23.16 -10.18
N SER B 91 3.37 -23.44 -9.75
CA SER B 91 4.10 -22.51 -8.90
C SER B 91 5.46 -22.19 -9.48
N ALA B 92 5.99 -21.05 -9.03
CA ALA B 92 7.36 -20.66 -9.31
C ALA B 92 8.00 -20.20 -8.00
N SER B 93 9.31 -20.10 -7.99
CA SER B 93 9.98 -19.78 -6.76
C SER B 93 11.25 -19.02 -7.07
N LEU B 94 11.55 -18.04 -6.22
CA LEU B 94 12.77 -17.24 -6.29
C LEU B 94 13.61 -17.53 -5.05
N ALA B 95 14.84 -17.97 -5.26
CA ALA B 95 15.74 -18.28 -4.17
C ALA B 95 16.83 -17.22 -4.13
N ILE B 96 17.11 -16.70 -2.94
CA ILE B 96 18.23 -15.81 -2.76
C ILE B 96 19.14 -16.41 -1.70
N SER B 97 20.26 -16.95 -2.13
CA SER B 97 21.31 -17.41 -1.24
C SER B 97 22.13 -16.23 -0.76
N GLY B 98 22.74 -16.40 0.40
CA GLY B 98 23.70 -15.42 0.84
C GLY B 98 23.20 -13.99 0.87
N LEU B 99 22.16 -13.74 1.65
CA LEU B 99 21.55 -12.42 1.67
C LEU B 99 22.59 -11.33 1.93
N GLN B 100 22.46 -10.26 1.16
CA GLN B 100 23.27 -9.06 1.30
C GLN B 100 22.30 -7.91 1.52
N ALA B 101 22.80 -6.87 2.20
CA ALA B 101 21.96 -5.73 2.57
C ALA B 101 21.23 -5.15 1.38
N GLU B 102 21.89 -5.11 0.21
CA GLU B 102 21.27 -4.59 -0.99
C GLU B 102 20.11 -5.45 -1.49
N ASP B 103 19.88 -6.65 -0.95
CA ASP B 103 18.73 -7.45 -1.36
C ASP B 103 17.43 -7.00 -0.72
N GLU B 104 17.48 -6.14 0.29
CA GLU B 104 16.27 -5.68 0.94
C GLU B 104 15.45 -4.87 -0.05
N ALA B 105 14.24 -5.34 -0.36
CA ALA B 105 13.43 -4.74 -1.41
C ALA B 105 12.11 -5.50 -1.51
N ASP B 106 11.21 -5.00 -2.36
CA ASP B 106 10.01 -5.73 -2.74
C ASP B 106 10.28 -6.55 -3.99
N TYR B 107 9.71 -7.74 -4.05
CA TYR B 107 9.88 -8.66 -5.17
C TYR B 107 8.52 -9.03 -5.70
N TYR B 108 8.38 -9.02 -7.03
CA TYR B 108 7.16 -9.39 -7.72
C TYR B 108 7.42 -10.49 -8.74
N CYS B 109 6.60 -11.54 -8.72
CA CYS B 109 6.52 -12.45 -9.85
C CYS B 109 5.50 -11.91 -10.85
N GLN B 110 5.60 -12.37 -12.09
CA GLN B 110 4.76 -11.86 -13.17
C GLN B 110 4.60 -12.97 -14.20
N SER B 111 3.41 -13.08 -14.75
CA SER B 111 3.20 -14.09 -15.78
C SER B 111 2.09 -13.56 -16.69
N TYR B 112 1.41 -14.46 -17.38
CA TYR B 112 0.28 -14.13 -18.24
C TYR B 112 -0.84 -15.07 -17.83
N ASP B 113 -2.09 -14.59 -17.87
CA ASP B 113 -3.26 -15.39 -17.49
C ASP B 113 -4.27 -15.38 -18.64
N ASP B 114 -4.60 -16.57 -19.18
CA ASP B 114 -5.43 -16.62 -20.39
C ASP B 114 -6.90 -16.66 -20.07
N SER B 115 -7.26 -16.58 -18.80
CA SER B 115 -8.66 -16.36 -18.45
C SER B 115 -8.94 -14.87 -18.35
N LEU B 116 -8.01 -14.10 -17.75
CA LEU B 116 -8.14 -12.65 -17.74
C LEU B 116 -7.58 -12.01 -19.01
N ARG B 117 -6.91 -12.80 -19.86
CA ARG B 117 -6.28 -12.32 -21.09
C ARG B 117 -5.42 -11.08 -20.83
N GLY B 118 -4.48 -11.23 -19.91
CA GLY B 118 -3.60 -10.12 -19.58
C GLY B 118 -2.42 -10.55 -18.75
N TRP B 119 -1.42 -9.65 -18.72
CA TRP B 119 -0.24 -9.79 -17.87
C TRP B 119 -0.65 -9.54 -16.43
N VAL B 120 -0.20 -10.41 -15.54
CA VAL B 120 -0.61 -10.40 -14.14
C VAL B 120 0.64 -10.41 -13.26
N PHE B 121 0.57 -9.72 -12.13
CA PHE B 121 1.63 -9.70 -11.14
C PHE B 121 1.16 -10.38 -9.87
N GLY B 122 2.10 -10.92 -9.11
CA GLY B 122 1.81 -11.29 -7.75
C GLY B 122 1.62 -10.07 -6.86
N GLY B 123 1.16 -10.34 -5.64
CA GLY B 123 0.90 -9.26 -4.70
C GLY B 123 2.15 -8.60 -4.13
N GLY B 124 3.29 -9.22 -4.26
CA GLY B 124 4.54 -8.63 -3.80
C GLY B 124 4.97 -9.24 -2.49
N THR B 125 6.30 -9.33 -2.31
CA THR B 125 6.92 -9.85 -1.10
C THR B 125 7.98 -8.83 -0.69
N LYS B 126 7.88 -8.32 0.54
CA LYS B 126 8.97 -7.53 1.11
C LYS B 126 10.00 -8.46 1.71
N LEU B 127 11.20 -8.37 1.20
CA LEU B 127 12.32 -9.14 1.71
C LEU B 127 13.14 -8.22 2.60
N THR B 128 13.16 -8.52 3.90
CA THR B 128 13.94 -7.79 4.89
C THR B 128 15.23 -8.55 5.17
N VAL B 129 16.35 -7.85 5.12
CA VAL B 129 17.64 -8.37 5.57
C VAL B 129 17.80 -7.89 7.01
N LEU B 130 17.75 -8.82 7.96
CA LEU B 130 17.56 -8.47 9.36
C LEU B 130 18.76 -7.72 9.88
N GLY B 131 18.52 -6.55 10.47
CA GLY B 131 19.59 -5.82 11.13
C GLY B 131 19.34 -5.52 12.59
N GLN B 132 18.24 -6.04 13.13
CA GLN B 132 17.89 -5.93 14.53
C GLN B 132 16.94 -7.08 14.86
N PRO B 133 16.62 -7.27 16.15
CA PRO B 133 15.76 -8.41 16.52
C PRO B 133 14.35 -8.28 15.95
N LYS B 134 13.80 -9.41 15.51
CA LYS B 134 12.40 -9.43 15.10
C LYS B 134 11.54 -9.04 16.30
N ALA B 135 10.48 -8.29 16.02
CA ALA B 135 9.59 -7.81 17.08
C ALA B 135 8.16 -7.86 16.58
N ALA B 136 7.23 -8.50 17.37
CA ALA B 136 5.82 -8.58 16.99
C ALA B 136 5.13 -7.23 17.22
N PRO B 137 4.06 -6.94 16.48
CA PRO B 137 3.40 -5.64 16.68
C PRO B 137 2.61 -5.57 17.97
N SER B 138 2.54 -4.35 18.51
CA SER B 138 1.53 -3.95 19.47
C SER B 138 0.34 -3.41 18.71
N VAL B 139 -0.84 -3.93 18.98
CA VAL B 139 -2.03 -3.55 18.26
C VAL B 139 -3.02 -2.97 19.25
N THR B 140 -3.58 -1.81 18.91
CA THR B 140 -4.60 -1.14 19.69
C THR B 140 -5.78 -0.83 18.78
N LEU B 141 -6.97 -1.23 19.16
CA LEU B 141 -8.16 -1.00 18.32
C LEU B 141 -9.13 -0.15 19.11
N PHE B 142 -9.52 0.99 18.53
CA PHE B 142 -10.49 1.88 19.15
C PHE B 142 -11.84 1.78 18.45
N PRO B 143 -12.95 1.83 19.20
CA PRO B 143 -14.26 1.88 18.56
C PRO B 143 -14.58 3.30 18.13
N PRO B 144 -15.66 3.50 17.37
CA PRO B 144 -16.11 4.88 17.10
C PRO B 144 -16.36 5.63 18.39
N SER B 145 -15.99 6.90 18.41
CA SER B 145 -16.30 7.73 19.57
C SER B 145 -17.78 8.12 19.60
N SER B 146 -18.27 8.43 20.80
CA SER B 146 -19.63 8.94 20.89
C SER B 146 -19.79 10.23 20.09
N GLU B 147 -18.74 11.06 20.04
CA GLU B 147 -18.83 12.32 19.27
C GLU B 147 -18.96 12.04 17.77
N GLU B 148 -18.22 11.05 17.26
CA GLU B 148 -18.34 10.73 15.84
C GLU B 148 -19.71 10.16 15.51
N LEU B 149 -20.21 9.26 16.37
CA LEU B 149 -21.59 8.75 16.21
C LEU B 149 -22.60 9.90 16.20
N GLN B 150 -22.38 10.93 17.02
CA GLN B 150 -23.27 12.08 17.04
C GLN B 150 -23.16 12.92 15.78
N ALA B 151 -22.16 12.71 14.96
CA ALA B 151 -22.14 13.30 13.63
C ALA B 151 -22.65 12.34 12.57
N ASN B 152 -23.23 11.22 12.97
CA ASN B 152 -23.80 10.23 12.04
C ASN B 152 -22.71 9.60 11.19
N LYS B 153 -21.56 9.31 11.80
CA LYS B 153 -20.39 8.71 11.18
C LYS B 153 -19.83 7.69 12.17
N ALA B 154 -18.96 6.80 11.69
CA ALA B 154 -18.35 5.82 12.58
C ALA B 154 -17.07 5.34 11.93
N THR B 155 -15.96 5.39 12.67
CA THR B 155 -14.67 4.87 12.23
C THR B 155 -14.06 4.02 13.34
N LEU B 156 -13.63 2.82 12.97
CA LEU B 156 -12.79 2.00 13.82
C LEU B 156 -11.33 2.25 13.48
N VAL B 157 -10.48 2.27 14.49
CA VAL B 157 -9.09 2.72 14.32
C VAL B 157 -8.19 1.64 14.87
N CYS B 158 -7.42 1.02 13.99
CA CYS B 158 -6.53 -0.08 14.32
C CYS B 158 -5.11 0.42 14.16
N LEU B 159 -4.40 0.58 15.28
CA LEU B 159 -3.04 1.11 15.29
C LEU B 159 -2.03 0.04 15.65
N ILE B 160 -0.99 -0.04 14.82
CA ILE B 160 -0.05 -1.14 14.82
C ILE B 160 1.35 -0.54 14.92
N SER B 161 2.09 -0.90 15.96
CA SER B 161 3.37 -0.26 16.16
C SER B 161 4.47 -1.21 16.61
N ASP B 162 5.72 -0.71 16.54
CA ASP B 162 6.89 -1.40 17.10
C ASP B 162 7.11 -2.80 16.55
N PHE B 163 6.88 -3.00 15.25
CA PHE B 163 7.10 -4.32 14.67
C PHE B 163 8.28 -4.29 13.71
N TYR B 164 8.92 -5.44 13.57
CA TYR B 164 10.06 -5.64 12.69
C TYR B 164 10.09 -7.13 12.38
N PRO B 165 10.18 -7.54 11.10
CA PRO B 165 10.29 -6.75 9.85
C PRO B 165 9.10 -5.85 9.57
N GLY B 166 9.32 -4.81 8.76
CA GLY B 166 8.33 -3.77 8.49
C GLY B 166 7.36 -4.16 7.42
N ALA B 167 6.58 -5.19 7.71
CA ALA B 167 5.63 -5.77 6.77
C ALA B 167 4.48 -6.38 7.56
N VAL B 168 3.24 -5.94 7.30
CA VAL B 168 2.05 -6.56 7.87
C VAL B 168 0.94 -6.57 6.85
N THR B 169 -0.06 -7.41 7.11
CA THR B 169 -1.32 -7.42 6.38
C THR B 169 -2.44 -7.22 7.38
N VAL B 170 -3.43 -6.41 7.03
CA VAL B 170 -4.53 -6.10 7.92
C VAL B 170 -5.84 -6.48 7.24
N ALA B 171 -6.68 -7.21 7.94
CA ALA B 171 -8.03 -7.54 7.50
C ALA B 171 -9.01 -7.19 8.59
N TRP B 172 -10.28 -7.06 8.22
CA TRP B 172 -11.29 -6.73 9.20
C TRP B 172 -12.44 -7.72 9.12
N LYS B 173 -13.15 -7.88 10.25
CA LYS B 173 -14.32 -8.75 10.35
C LYS B 173 -15.44 -8.01 11.08
N ALA B 174 -16.67 -8.26 10.64
CA ALA B 174 -17.87 -7.86 11.37
C ALA B 174 -18.45 -9.15 11.94
N ASP B 175 -18.48 -9.26 13.27
CA ASP B 175 -18.75 -10.55 13.87
C ASP B 175 -17.66 -11.50 13.37
N SER B 176 -18.03 -12.51 12.58
CA SER B 176 -17.05 -13.42 12.03
C SER B 176 -16.85 -13.31 10.52
N SER B 177 -17.53 -12.40 9.87
CA SER B 177 -17.57 -12.29 8.40
C SER B 177 -16.57 -11.27 7.88
N PRO B 178 -15.77 -11.62 6.87
CA PRO B 178 -14.79 -10.66 6.34
C PRO B 178 -15.47 -9.41 5.81
N VAL B 179 -14.84 -8.26 6.06
CA VAL B 179 -15.31 -6.96 5.56
C VAL B 179 -14.21 -6.34 4.71
N LYS B 180 -14.52 -6.10 3.44
CA LYS B 180 -13.54 -5.57 2.50
C LYS B 180 -13.77 -4.11 2.16
N ALA B 181 -15.02 -3.65 2.24
CA ALA B 181 -15.34 -2.29 1.85
C ALA B 181 -15.08 -1.34 3.02
N GLY B 182 -14.69 -0.11 2.70
CA GLY B 182 -14.51 0.87 3.76
C GLY B 182 -13.19 0.77 4.51
N VAL B 183 -12.22 0.04 3.97
CA VAL B 183 -10.97 -0.23 4.65
C VAL B 183 -9.90 0.67 4.05
N GLU B 184 -9.15 1.36 4.90
CA GLU B 184 -7.98 2.15 4.47
C GLU B 184 -6.79 1.84 5.35
N THR B 185 -5.71 1.36 4.76
CA THR B 185 -4.56 0.88 5.52
C THR B 185 -3.31 1.53 4.98
N THR B 186 -2.44 1.96 5.91
CA THR B 186 -1.20 2.60 5.52
C THR B 186 -0.13 1.56 5.22
N THR B 187 0.85 1.95 4.42
CA THR B 187 2.06 1.15 4.32
C THR B 187 2.93 1.37 5.56
N PRO B 188 3.61 0.33 6.04
CA PRO B 188 4.47 0.48 7.22
C PRO B 188 5.55 1.52 6.98
N SER B 189 5.75 2.38 7.98
CA SER B 189 6.77 3.41 7.98
C SER B 189 7.68 3.27 9.19
N LYS B 190 8.92 3.71 9.04
CA LYS B 190 9.89 3.55 10.11
C LYS B 190 9.66 4.56 11.23
N GLN B 191 9.73 4.06 12.46
CA GLN B 191 9.64 4.85 13.68
C GLN B 191 11.02 5.34 14.08
N SER B 192 11.06 6.24 15.07
CA SER B 192 12.33 6.76 15.59
C SER B 192 13.27 5.61 15.99
N ASN B 193 12.75 4.61 16.71
CA ASN B 193 13.57 3.46 17.15
C ASN B 193 13.87 2.47 16.06
N ASN B 194 13.55 2.82 14.83
CA ASN B 194 13.75 2.00 13.65
C ASN B 194 12.96 0.69 13.66
N LYS B 195 12.01 0.52 14.56
CA LYS B 195 10.90 -0.41 14.29
C LYS B 195 9.87 0.29 13.41
N TYR B 196 8.75 -0.39 13.11
CA TYR B 196 7.81 0.15 12.14
C TYR B 196 6.41 0.33 12.72
N ALA B 197 5.62 1.17 12.04
CA ALA B 197 4.24 1.46 12.44
C ALA B 197 3.34 1.48 11.22
N ALA B 198 2.07 1.19 11.45
CA ALA B 198 1.04 1.21 10.41
C ALA B 198 -0.31 1.41 11.09
N SER B 199 -1.32 1.76 10.30
CA SER B 199 -2.65 2.00 10.82
C SER B 199 -3.65 1.54 9.77
N SER B 200 -4.82 1.15 10.25
CA SER B 200 -5.91 0.76 9.36
C SER B 200 -7.19 1.32 9.96
N TYR B 201 -8.09 1.75 9.08
CA TYR B 201 -9.32 2.45 9.43
C TYR B 201 -10.48 1.73 8.73
N LEU B 202 -11.57 1.51 9.46
CA LEU B 202 -12.77 0.90 8.88
C LEU B 202 -13.92 1.89 9.05
N SER B 203 -14.46 2.38 7.94
CA SER B 203 -15.61 3.28 7.97
C SER B 203 -16.93 2.51 7.88
N LEU B 204 -17.87 2.89 8.75
CA LEU B 204 -19.15 2.23 8.89
C LEU B 204 -20.25 3.26 9.07
N THR B 205 -21.52 2.88 8.81
CA THR B 205 -22.61 3.68 9.32
C THR B 205 -22.72 3.46 10.84
N PRO B 206 -23.28 4.43 11.57
CA PRO B 206 -23.57 4.17 13.00
C PRO B 206 -24.46 2.95 13.18
N GLU B 207 -25.37 2.73 12.23
CA GLU B 207 -26.31 1.60 12.31
C GLU B 207 -25.59 0.26 12.23
N GLN B 208 -24.62 0.14 11.32
CA GLN B 208 -23.82 -1.09 11.29
C GLN B 208 -23.07 -1.30 12.59
N TRP B 209 -22.44 -0.24 13.12
CA TRP B 209 -21.68 -0.41 14.36
C TRP B 209 -22.59 -0.92 15.47
N LYS B 210 -23.79 -0.36 15.58
CA LYS B 210 -24.67 -0.74 16.66
C LYS B 210 -25.34 -2.10 16.42
N SER B 211 -25.29 -2.62 15.19
CA SER B 211 -26.08 -3.78 14.82
C SER B 211 -25.33 -5.10 14.92
N HIS B 212 -24.01 -5.06 14.95
CA HIS B 212 -23.23 -6.28 15.05
C HIS B 212 -22.85 -6.53 16.50
N ARG B 213 -22.61 -7.81 16.80
CA ARG B 213 -22.07 -8.15 18.11
C ARG B 213 -20.73 -7.50 18.34
N SER B 214 -19.88 -7.45 17.30
CA SER B 214 -18.53 -6.90 17.46
C SER B 214 -17.86 -6.75 16.10
N TYR B 215 -16.71 -6.06 16.12
CA TYR B 215 -15.87 -5.86 14.96
C TYR B 215 -14.44 -6.14 15.37
N SER B 216 -13.65 -6.70 14.45
CA SER B 216 -12.28 -7.04 14.76
C SER B 216 -11.32 -6.54 13.68
N CYS B 217 -10.13 -6.19 14.14
CA CYS B 217 -8.99 -5.91 13.31
C CYS B 217 -8.03 -7.10 13.42
N GLN B 218 -7.66 -7.69 12.29
CA GLN B 218 -6.71 -8.81 12.27
C GLN B 218 -5.40 -8.38 11.64
N VAL B 219 -4.32 -8.51 12.37
CA VAL B 219 -2.99 -8.04 11.96
C VAL B 219 -2.08 -9.25 11.81
N THR B 220 -1.58 -9.47 10.61
CA THR B 220 -0.74 -10.63 10.32
C THR B 220 0.70 -10.18 10.10
N HIS B 221 1.62 -10.69 10.91
CA HIS B 221 3.03 -10.35 10.85
C HIS B 221 3.79 -11.66 10.72
N GLU B 222 4.39 -11.88 9.55
CA GLU B 222 5.09 -13.11 9.20
C GLU B 222 4.39 -14.35 9.74
N GLY B 223 3.18 -14.56 9.25
CA GLY B 223 2.46 -15.79 9.54
C GLY B 223 1.77 -15.83 10.87
N SER B 224 1.91 -14.80 11.71
CA SER B 224 1.28 -14.71 13.01
C SER B 224 0.17 -13.66 12.93
N THR B 225 -1.07 -14.10 13.12
CA THR B 225 -2.24 -13.24 13.01
C THR B 225 -2.80 -13.03 14.41
N VAL B 226 -2.73 -11.80 14.89
CA VAL B 226 -3.40 -11.43 16.14
C VAL B 226 -4.63 -10.60 15.78
N GLU B 227 -5.70 -10.77 16.56
CA GLU B 227 -6.99 -10.14 16.33
C GLU B 227 -7.36 -9.36 17.59
N LYS B 228 -7.74 -8.09 17.40
CA LYS B 228 -8.30 -7.25 18.44
C LYS B 228 -9.78 -7.02 18.14
N THR B 229 -10.60 -6.96 19.18
CA THR B 229 -12.04 -6.89 19.03
C THR B 229 -12.61 -5.81 19.91
N VAL B 230 -13.62 -5.12 19.39
CA VAL B 230 -14.36 -4.10 20.11
C VAL B 230 -15.84 -4.34 19.82
N ALA B 231 -16.67 -3.87 20.76
CA ALA B 231 -18.11 -4.11 20.73
C ALA B 231 -18.88 -2.88 21.18
N PRO B 232 -20.05 -2.63 20.58
CA PRO B 232 -20.82 -1.43 20.95
C PRO B 232 -21.34 -1.45 22.39
N THR B 233 -21.32 -2.60 23.06
CA THR B 233 -21.79 -2.73 24.43
C THR B 233 -20.67 -2.64 25.47
N GLU B 234 -19.43 -2.49 25.00
CA GLU B 234 -18.26 -2.30 25.86
C GLU B 234 -18.24 -0.85 26.34
N CYS B 235 -18.38 -0.64 27.64
CA CYS B 235 -18.38 0.71 28.17
C CYS B 235 -17.36 0.95 29.33
#